data_3PWX
#
_entry.id   3PWX
#
_cell.length_a   100.687
_cell.length_b   63.509
_cell.length_c   80.570
_cell.angle_alpha   90.000
_cell.angle_beta   107.860
_cell.angle_gamma   90.000
#
_symmetry.space_group_name_H-M   'C 1 2 1'
#
loop_
_entity.id
_entity.type
_entity.pdbx_description
1 polymer 'Putative flagellar hook-associated protein'
2 non-polymer 'MAGNESIUM ION'
3 water water
#
_entity_poly.entity_id   1
_entity_poly.type   'polypeptide(L)'
_entity_poly.pdbx_seq_one_letter_code
;(MSE)SLSDDP(MSE)ASIKLLNLERENSAIAQYQSNIANLKTTLSSQETHLDSVSESLKS(MSE)RDIVLWGANGSLTD
QDRSG(MSE)ITELKSYRDSIESSFNAQDEEGHFLFSGTKTDTAALNKSSGAYVVEGNSDVRVVTVAKGVT(MSE)DSN
(MSE)TAQEILDIGGGKNVLNQIDALIAEFEKPSPNFQAEVDASLNAIDDT(MSE)ANVLGA(MSE)TEIGGRHNNLDL
(MSE)DGAHSENKLFVDKVSGDLSALDYGEGHHHHHH
;
_entity_poly.pdbx_strand_id   A,B
#
loop_
_chem_comp.id
_chem_comp.type
_chem_comp.name
_chem_comp.formula
MG non-polymer 'MAGNESIUM ION' 'Mg 2'
#
# COMPACT_ATOMS: atom_id res chain seq x y z
N SER A 2 8.25 26.02 34.73
CA SER A 2 7.21 24.94 34.85
C SER A 2 7.63 23.67 34.11
N LEU A 3 7.83 23.80 32.78
CA LEU A 3 8.39 22.71 31.98
C LEU A 3 9.83 22.41 32.42
N SER A 4 10.50 23.41 33.01
CA SER A 4 11.89 23.32 33.48
C SER A 4 12.09 22.47 34.75
N ASP A 5 11.02 22.35 35.55
CA ASP A 5 10.93 21.52 36.79
C ASP A 5 11.50 20.08 36.71
N ASP A 6 11.13 19.32 35.67
CA ASP A 6 11.80 18.03 35.38
C ASP A 6 12.01 17.91 33.87
N PRO A 7 13.23 18.19 33.38
CA PRO A 7 13.52 18.40 31.95
C PRO A 7 13.69 17.14 31.09
N MSE A 8 14.22 16.05 31.63
CA MSE A 8 14.31 14.81 30.83
C MSE A 8 12.98 14.04 30.77
O MSE A 8 12.72 13.30 29.81
CB MSE A 8 15.49 13.92 31.25
CG MSE A 8 16.80 14.10 30.40
SE MSE A 8 17.01 12.96 28.73
CE MSE A 8 15.81 13.84 27.47
N ALA A 9 12.15 14.22 31.80
CA ALA A 9 10.77 13.76 31.78
C ALA A 9 9.92 14.62 30.82
N SER A 10 10.13 15.93 30.86
CA SER A 10 9.50 16.86 29.90
C SER A 10 9.63 16.42 28.44
N ILE A 11 10.87 16.14 28.00
CA ILE A 11 11.18 15.66 26.64
C ILE A 11 10.50 14.32 26.34
N LYS A 12 10.41 13.51 27.39
CA LYS A 12 9.85 12.20 27.28
C LYS A 12 8.39 12.39 27.01
N LEU A 13 7.75 13.30 27.75
CA LEU A 13 6.33 13.54 27.58
C LEU A 13 6.03 14.09 26.21
N LEU A 14 6.84 15.04 25.78
CA LEU A 14 6.68 15.68 24.51
C LEU A 14 6.84 14.70 23.37
N ASN A 15 7.77 13.78 23.49
CA ASN A 15 7.83 12.74 22.47
C ASN A 15 6.72 11.69 22.50
N LEU A 16 6.15 11.43 23.67
CA LEU A 16 4.93 10.65 23.69
C LEU A 16 3.74 11.42 23.06
N GLU A 17 3.67 12.74 23.24
CA GLU A 17 2.61 13.51 22.62
C GLU A 17 2.68 13.44 21.10
N ARG A 18 3.88 13.65 20.57
CA ARG A 18 4.16 13.58 19.12
C ARG A 18 3.91 12.19 18.54
N GLU A 19 4.20 11.12 19.30
CA GLU A 19 3.91 9.77 18.85
C GLU A 19 2.41 9.51 18.92
N ASN A 20 1.77 10.01 19.97
CA ASN A 20 0.32 9.95 20.08
C ASN A 20 -0.40 10.67 18.94
N SER A 21 0.09 11.84 18.58
CA SER A 21 -0.46 12.59 17.45
C SER A 21 -0.26 11.92 16.08
N ALA A 22 0.86 11.20 15.90
CA ALA A 22 1.08 10.45 14.66
C ALA A 22 0.02 9.34 14.51
N ILE A 23 -0.09 8.46 15.49
CA ILE A 23 -1.14 7.46 15.56
C ILE A 23 -2.56 8.01 15.28
N ALA A 24 -2.88 9.16 15.90
CA ALA A 24 -4.22 9.72 15.69
C ALA A 24 -4.34 10.13 14.25
N GLN A 25 -3.24 10.53 13.62
CA GLN A 25 -3.31 10.87 12.22
C GLN A 25 -3.50 9.62 11.35
N TYR A 26 -2.73 8.56 11.60
CA TYR A 26 -2.93 7.34 10.84
C TYR A 26 -4.34 6.82 10.99
N GLN A 27 -4.91 6.87 12.19
CA GLN A 27 -6.21 6.28 12.37
C GLN A 27 -7.26 7.13 11.70
N SER A 28 -6.94 8.41 11.53
CA SER A 28 -7.80 9.29 10.74
C SER A 28 -7.70 9.03 9.26
N ASN A 29 -6.53 8.60 8.77
CA ASN A 29 -6.37 8.23 7.36
C ASN A 29 -7.15 6.97 7.10
N ILE A 30 -7.08 6.02 8.02
CA ILE A 30 -7.78 4.76 7.90
C ILE A 30 -9.35 4.88 7.96
N ALA A 31 -9.89 5.58 8.95
CA ALA A 31 -11.32 5.91 8.93
C ALA A 31 -11.65 6.62 7.60
N ASN A 32 -10.79 7.55 7.13
CA ASN A 32 -11.22 8.21 5.89
C ASN A 32 -11.17 7.30 4.71
N LEU A 33 -10.26 6.34 4.75
CA LEU A 33 -10.13 5.45 3.59
C LEU A 33 -11.35 4.49 3.57
N LYS A 34 -11.76 4.04 4.76
CA LYS A 34 -12.91 3.16 4.88
C LYS A 34 -14.17 3.81 4.34
N THR A 35 -14.23 5.12 4.51
CA THR A 35 -15.38 5.88 4.07
C THR A 35 -15.46 5.95 2.58
N THR A 36 -14.30 6.09 1.97
CA THR A 36 -14.16 6.25 0.54
C THR A 36 -14.36 4.90 -0.07
N LEU A 37 -13.94 3.85 0.64
CA LEU A 37 -14.06 2.54 0.06
C LEU A 37 -15.51 2.17 0.07
N SER A 38 -16.24 2.40 1.16
CA SER A 38 -17.68 2.05 1.23
C SER A 38 -18.40 2.77 0.13
N SER A 39 -18.04 4.04 -0.05
CA SER A 39 -18.60 4.80 -1.14
C SER A 39 -18.48 4.16 -2.55
N GLN A 40 -17.34 3.56 -2.87
CA GLN A 40 -17.19 2.80 -4.14
C GLN A 40 -18.04 1.53 -4.21
N GLU A 41 -18.23 0.91 -3.06
CA GLU A 41 -18.97 -0.32 -2.92
C GLU A 41 -20.43 -0.07 -3.23
N THR A 42 -20.96 1.06 -2.77
CA THR A 42 -22.35 1.41 -3.08
C THR A 42 -22.51 1.49 -4.58
N HIS A 43 -21.59 2.18 -5.27
CA HIS A 43 -21.73 2.33 -6.73
C HIS A 43 -21.55 1.00 -7.42
N LEU A 44 -20.62 0.18 -6.92
CA LEU A 44 -20.48 -1.12 -7.52
C LEU A 44 -21.69 -2.01 -7.27
N ASP A 45 -22.25 -1.97 -6.07
CA ASP A 45 -23.45 -2.70 -5.75
C ASP A 45 -24.53 -2.37 -6.77
N SER A 46 -24.74 -1.08 -7.00
CA SER A 46 -25.73 -0.62 -7.99
C SER A 46 -25.44 -1.04 -9.43
N VAL A 47 -24.16 -0.99 -9.86
CA VAL A 47 -23.74 -1.52 -11.16
C VAL A 47 -24.11 -2.99 -11.20
N SER A 48 -23.95 -3.75 -10.12
CA SER A 48 -24.29 -5.17 -10.20
C SER A 48 -25.80 -5.47 -10.27
N GLU A 49 -26.63 -4.69 -9.56
CA GLU A 49 -28.13 -4.75 -9.73
C GLU A 49 -28.56 -4.45 -11.14
N SER A 50 -27.95 -3.44 -11.74
CA SER A 50 -28.26 -3.15 -13.10
C SER A 50 -27.80 -4.27 -13.98
N LEU A 51 -26.71 -4.94 -13.66
CA LEU A 51 -26.26 -5.97 -14.60
C LEU A 51 -27.22 -7.16 -14.57
N LYS A 52 -27.74 -7.42 -13.38
CA LYS A 52 -28.71 -8.44 -13.06
C LYS A 52 -30.04 -8.20 -13.86
N SER A 53 -30.64 -7.02 -13.72
CA SER A 53 -31.85 -6.71 -14.45
C SER A 53 -31.65 -6.76 -15.96
N MSE A 54 -30.49 -6.28 -16.42
CA MSE A 54 -30.24 -6.32 -17.83
C MSE A 54 -30.18 -7.79 -18.25
O MSE A 54 -30.77 -8.16 -19.25
CB MSE A 54 -28.99 -5.56 -18.11
CG MSE A 54 -28.45 -5.60 -19.49
SE MSE A 54 -26.91 -4.35 -19.51
CE MSE A 54 -27.91 -2.71 -19.18
N ARG A 55 -29.55 -8.66 -17.47
CA ARG A 55 -29.47 -10.06 -17.86
C ARG A 55 -30.86 -10.78 -17.90
N ASP A 56 -31.76 -10.41 -17.00
CA ASP A 56 -33.07 -11.01 -16.92
C ASP A 56 -33.94 -10.69 -18.14
N ILE A 57 -33.73 -9.48 -18.66
CA ILE A 57 -34.42 -8.98 -19.84
C ILE A 57 -33.93 -9.67 -21.11
N VAL A 58 -32.62 -9.72 -21.28
CA VAL A 58 -32.03 -10.53 -22.32
C VAL A 58 -32.52 -11.99 -22.22
N LEU A 59 -32.46 -12.57 -21.01
CA LEU A 59 -32.98 -13.93 -20.80
C LEU A 59 -34.43 -14.15 -21.28
N TRP A 60 -35.37 -13.26 -20.90
CA TRP A 60 -36.74 -13.40 -21.41
C TRP A 60 -36.81 -13.10 -22.89
N GLY A 61 -36.43 -11.87 -23.25
CA GLY A 61 -36.39 -11.38 -24.64
C GLY A 61 -35.73 -12.18 -25.75
N ALA A 62 -34.79 -13.06 -25.42
CA ALA A 62 -34.33 -14.10 -26.36
C ALA A 62 -35.53 -14.99 -26.72
N ASN A 63 -36.27 -14.56 -27.73
CA ASN A 63 -37.56 -15.16 -28.07
C ASN A 63 -37.47 -16.16 -29.21
N GLY A 64 -37.84 -17.41 -28.93
CA GLY A 64 -38.14 -18.36 -29.99
C GLY A 64 -39.39 -17.88 -30.72
N SER A 65 -40.26 -17.20 -29.97
CA SER A 65 -41.59 -16.81 -30.42
C SER A 65 -41.70 -15.28 -30.50
N LEU A 66 -41.42 -14.75 -31.69
CA LEU A 66 -41.42 -13.30 -32.02
C LEU A 66 -41.82 -12.28 -30.91
N THR A 67 -43.11 -11.92 -30.86
CA THR A 67 -43.66 -10.76 -30.11
C THR A 67 -42.87 -9.45 -30.30
N ASP A 68 -42.50 -9.19 -31.57
CA ASP A 68 -41.50 -8.16 -31.95
C ASP A 68 -41.80 -6.72 -31.51
N GLN A 69 -43.07 -6.36 -31.49
CA GLN A 69 -43.50 -5.04 -31.05
C GLN A 69 -43.49 -4.93 -29.53
N ASP A 70 -43.83 -6.02 -28.86
CA ASP A 70 -43.71 -6.07 -27.40
C ASP A 70 -42.28 -5.78 -26.93
N ARG A 71 -41.29 -6.21 -27.72
CA ARG A 71 -39.89 -5.93 -27.45
C ARG A 71 -39.53 -4.45 -27.48
N SER A 72 -40.50 -3.57 -27.72
CA SER A 72 -40.20 -2.15 -27.71
C SER A 72 -40.13 -1.61 -26.28
N GLY A 73 -40.71 -2.32 -25.32
CA GLY A 73 -40.70 -1.89 -23.94
C GLY A 73 -39.47 -2.43 -23.23
N MSE A 74 -39.03 -3.61 -23.68
CA MSE A 74 -37.78 -4.18 -23.24
C MSE A 74 -36.62 -3.29 -23.62
O MSE A 74 -35.72 -3.05 -22.81
CB MSE A 74 -37.57 -5.54 -23.88
CG MSE A 74 -38.17 -6.70 -23.13
SE MSE A 74 -38.06 -8.29 -24.23
CE MSE A 74 -39.86 -8.99 -23.88
N ILE A 75 -36.64 -2.78 -24.84
CA ILE A 75 -35.61 -1.90 -25.32
C ILE A 75 -35.36 -0.68 -24.42
N THR A 76 -36.42 0.01 -24.02
CA THR A 76 -36.34 1.12 -23.07
C THR A 76 -35.74 0.71 -21.72
N GLU A 77 -36.16 -0.44 -21.18
CA GLU A 77 -35.61 -0.88 -19.90
C GLU A 77 -34.13 -1.28 -19.99
N LEU A 78 -33.71 -1.86 -21.12
CA LEU A 78 -32.28 -2.11 -21.36
C LEU A 78 -31.52 -0.81 -21.36
N LYS A 79 -31.97 0.14 -22.17
CA LYS A 79 -31.37 1.46 -22.18
C LYS A 79 -31.33 2.12 -20.81
N SER A 80 -32.29 1.84 -19.93
CA SER A 80 -32.27 2.38 -18.57
C SER A 80 -31.15 1.91 -17.70
N TYR A 81 -30.98 0.59 -17.68
CA TYR A 81 -29.91 -0.06 -16.90
C TYR A 81 -28.53 0.25 -17.52
N ARG A 82 -28.49 0.32 -18.84
CA ARG A 82 -27.35 0.80 -19.55
C ARG A 82 -26.94 2.19 -19.07
N ASP A 83 -27.88 3.12 -18.95
CA ASP A 83 -27.51 4.48 -18.61
C ASP A 83 -27.10 4.58 -17.18
N SER A 84 -27.90 3.96 -16.32
CA SER A 84 -27.62 3.82 -14.91
C SER A 84 -26.21 3.21 -14.57
N ILE A 85 -25.71 2.30 -15.41
CA ILE A 85 -24.39 1.73 -15.24
C ILE A 85 -23.34 2.75 -15.68
N GLU A 86 -23.65 3.53 -16.71
CA GLU A 86 -22.76 4.61 -17.10
C GLU A 86 -22.65 5.64 -16.00
N SER A 87 -23.78 6.00 -15.38
CA SER A 87 -23.79 6.93 -14.22
C SER A 87 -22.99 6.51 -13.01
N SER A 88 -23.04 5.21 -12.69
CA SER A 88 -22.34 4.71 -11.55
C SER A 88 -20.86 4.76 -11.83
N PHE A 89 -20.41 4.44 -13.03
CA PHE A 89 -18.94 4.46 -13.23
C PHE A 89 -18.38 5.87 -13.36
N ASN A 90 -19.27 6.86 -13.48
CA ASN A 90 -18.97 8.28 -13.63
C ASN A 90 -19.32 9.06 -12.36
N ALA A 91 -19.54 8.31 -11.27
CA ALA A 91 -19.75 8.88 -9.96
C ALA A 91 -18.63 9.83 -9.60
N GLN A 92 -19.01 10.88 -8.87
CA GLN A 92 -18.08 11.88 -8.40
C GLN A 92 -18.23 11.95 -6.90
N ASP A 93 -17.21 12.43 -6.21
CA ASP A 93 -17.35 12.73 -4.79
C ASP A 93 -17.91 14.16 -4.59
N GLU A 94 -17.96 14.59 -3.34
CA GLU A 94 -18.50 15.90 -2.94
C GLU A 94 -17.63 17.04 -3.44
N GLU A 95 -16.33 16.79 -3.60
CA GLU A 95 -15.42 17.80 -4.20
C GLU A 95 -15.64 17.93 -5.71
N GLY A 96 -16.24 16.92 -6.34
CA GLY A 96 -16.32 16.87 -7.78
C GLY A 96 -15.32 15.98 -8.49
N HIS A 97 -14.60 15.13 -7.75
CA HIS A 97 -13.66 14.25 -8.41
C HIS A 97 -14.28 12.94 -8.93
N PHE A 98 -13.85 12.47 -10.10
CA PHE A 98 -14.35 11.20 -10.62
C PHE A 98 -13.78 9.98 -9.89
N LEU A 99 -14.61 9.29 -9.14
CA LEU A 99 -14.22 8.17 -8.32
C LEU A 99 -13.48 7.07 -9.09
N PHE A 100 -13.78 6.89 -10.36
CA PHE A 100 -13.44 5.62 -11.02
C PHE A 100 -12.58 5.80 -12.21
N SER A 101 -12.02 7.01 -12.33
CA SER A 101 -11.16 7.39 -13.43
C SER A 101 -9.64 7.15 -13.28
N GLY A 102 -9.21 6.42 -12.26
CA GLY A 102 -7.78 6.26 -12.14
C GLY A 102 -7.19 7.62 -11.74
N THR A 103 -6.07 8.05 -12.32
CA THR A 103 -5.50 9.35 -11.90
C THR A 103 -6.02 10.55 -12.69
N LYS A 104 -6.90 10.32 -13.63
CA LYS A 104 -7.49 11.43 -14.41
C LYS A 104 -8.78 11.92 -13.71
N THR A 105 -8.62 12.54 -12.53
CA THR A 105 -9.68 12.77 -11.54
C THR A 105 -10.75 13.78 -11.98
N ASP A 106 -10.42 14.66 -12.94
CA ASP A 106 -11.41 15.58 -13.52
C ASP A 106 -12.00 15.10 -14.85
N THR A 107 -11.67 13.91 -15.25
CA THR A 107 -12.21 13.44 -16.46
C THR A 107 -13.16 12.24 -16.20
N ALA A 108 -14.39 12.33 -16.77
CA ALA A 108 -15.39 11.26 -16.71
C ALA A 108 -14.77 9.95 -17.12
N ALA A 109 -15.07 8.86 -16.43
CA ALA A 109 -14.47 7.54 -16.74
C ALA A 109 -14.94 7.00 -18.10
N LEU A 110 -16.19 7.34 -18.45
CA LEU A 110 -16.82 6.87 -19.68
C LEU A 110 -17.36 8.05 -20.51
N ASN A 111 -17.17 7.96 -21.82
CA ASN A 111 -17.61 8.99 -22.75
C ASN A 111 -18.28 8.28 -23.93
N LYS A 112 -19.41 8.83 -24.40
CA LYS A 112 -20.18 8.22 -25.52
C LYS A 112 -20.23 9.13 -26.73
N SER A 113 -19.58 10.29 -26.61
CA SER A 113 -19.46 11.28 -27.70
C SER A 113 -19.19 10.71 -29.10
N SER A 114 -18.54 9.57 -29.16
CA SER A 114 -18.05 9.07 -30.44
C SER A 114 -19.06 8.21 -31.17
N GLY A 115 -20.22 7.98 -30.54
CA GLY A 115 -21.16 6.96 -31.01
C GLY A 115 -21.03 5.60 -30.32
N ALA A 116 -19.92 5.37 -29.65
CA ALA A 116 -19.73 4.14 -28.83
C ALA A 116 -19.21 4.53 -27.43
N TYR A 117 -19.40 3.66 -26.43
CA TYR A 117 -18.79 3.96 -25.12
C TYR A 117 -17.30 3.76 -25.17
N VAL A 118 -16.59 4.80 -24.78
CA VAL A 118 -15.12 4.75 -24.72
C VAL A 118 -14.65 4.93 -23.25
N VAL A 119 -13.75 4.09 -22.76
CA VAL A 119 -13.29 4.33 -21.41
C VAL A 119 -12.23 5.39 -21.40
N GLU A 120 -12.53 6.55 -20.82
CA GLU A 120 -11.45 7.57 -20.76
C GLU A 120 -10.69 7.62 -19.46
N GLY A 121 -11.16 6.96 -18.41
CA GLY A 121 -10.40 6.83 -17.18
C GLY A 121 -9.16 6.04 -17.53
N ASN A 122 -8.10 6.12 -16.71
CA ASN A 122 -6.96 5.24 -16.87
C ASN A 122 -7.04 4.23 -15.72
N SER A 123 -6.01 3.42 -15.48
CA SER A 123 -6.14 2.40 -14.45
C SER A 123 -5.10 2.48 -13.31
N ASP A 124 -4.62 3.71 -13.10
CA ASP A 124 -3.68 4.04 -12.07
C ASP A 124 -4.26 3.87 -10.67
N VAL A 125 -3.42 3.50 -9.73
CA VAL A 125 -3.90 3.38 -8.36
C VAL A 125 -3.47 4.62 -7.61
N ARG A 126 -4.32 5.12 -6.75
CA ARG A 126 -3.90 6.03 -5.72
C ARG A 126 -3.74 5.22 -4.44
N VAL A 127 -2.90 5.77 -3.58
CA VAL A 127 -2.56 5.17 -2.29
C VAL A 127 -2.79 6.17 -1.16
N VAL A 128 -2.99 5.59 0.01
CA VAL A 128 -3.10 6.27 1.28
C VAL A 128 -2.18 5.58 2.27
N THR A 129 -1.46 6.41 3.02
CA THR A 129 -0.52 5.95 4.07
C THR A 129 -1.32 5.65 5.34
N VAL A 130 -1.13 4.46 5.90
CA VAL A 130 -2.02 4.05 6.93
C VAL A 130 -1.25 3.61 8.16
N ALA A 131 0.09 3.57 8.09
CA ALA A 131 1.00 3.42 9.21
C ALA A 131 2.39 3.72 8.67
N LYS A 132 3.36 3.99 9.55
CA LYS A 132 4.67 4.36 9.12
C LYS A 132 5.17 3.44 8.06
N GLY A 133 5.41 3.97 6.87
CA GLY A 133 5.91 3.18 5.74
C GLY A 133 4.97 2.10 5.14
N VAL A 134 3.65 2.26 5.32
CA VAL A 134 2.71 1.32 4.81
C VAL A 134 1.61 2.05 4.03
N THR A 135 1.41 1.70 2.76
CA THR A 135 0.34 2.31 2.01
C THR A 135 -0.72 1.32 1.61
N MSE A 136 -1.94 1.79 1.52
CA MSE A 136 -3.04 0.89 1.09
C MSE A 136 -3.63 1.50 -0.18
O MSE A 136 -3.79 2.74 -0.23
CB MSE A 136 -4.06 0.76 2.18
CG MSE A 136 -5.43 0.40 1.67
SE MSE A 136 -5.51 -1.59 1.48
CE MSE A 136 -4.72 -1.86 3.31
N ASP A 137 -3.91 0.69 -1.21
CA ASP A 137 -4.50 1.21 -2.44
C ASP A 137 -5.93 1.57 -2.16
N SER A 138 -6.40 2.69 -2.69
CA SER A 138 -7.67 3.28 -2.26
C SER A 138 -8.64 3.47 -3.39
N ASN A 139 -8.25 3.18 -4.62
CA ASN A 139 -9.24 3.24 -5.70
C ASN A 139 -9.57 1.97 -6.48
N MSE A 140 -10.74 1.94 -7.15
CA MSE A 140 -10.99 0.93 -8.19
C MSE A 140 -11.08 1.70 -9.51
O MSE A 140 -11.26 2.90 -9.49
CB MSE A 140 -12.27 0.12 -7.95
CG MSE A 140 -12.25 -0.83 -6.77
SE MSE A 140 -10.75 -2.11 -6.74
CE MSE A 140 -11.15 -3.11 -8.37
N THR A 141 -10.86 1.03 -10.63
CA THR A 141 -11.03 1.70 -11.89
C THR A 141 -12.04 1.09 -12.85
N ALA A 142 -12.79 1.98 -13.50
CA ALA A 142 -13.70 1.55 -14.58
C ALA A 142 -12.86 0.83 -15.62
N GLN A 143 -11.68 1.34 -15.91
CA GLN A 143 -10.94 0.71 -16.97
C GLN A 143 -10.51 -0.71 -16.70
N GLU A 144 -10.18 -1.06 -15.47
CA GLU A 144 -9.90 -2.44 -15.16
C GLU A 144 -11.19 -3.28 -15.05
N ILE A 145 -12.24 -2.69 -14.49
CA ILE A 145 -13.53 -3.41 -14.27
C ILE A 145 -14.32 -3.75 -15.53
N LEU A 146 -14.29 -2.82 -16.50
CA LEU A 146 -14.99 -2.96 -17.76
C LEU A 146 -14.21 -3.79 -18.80
N ASP A 147 -12.94 -4.03 -18.54
CA ASP A 147 -12.15 -4.83 -19.46
C ASP A 147 -12.53 -6.30 -19.37
N ILE A 148 -13.22 -6.76 -20.42
CA ILE A 148 -13.54 -8.18 -20.57
C ILE A 148 -12.76 -8.77 -21.74
N GLY A 149 -11.67 -8.09 -22.10
CA GLY A 149 -10.90 -8.44 -23.29
C GLY A 149 -11.44 -7.62 -24.45
N GLY A 150 -10.92 -7.87 -25.66
CA GLY A 150 -11.40 -7.20 -26.87
C GLY A 150 -11.09 -5.70 -26.80
N GLY A 151 -11.16 -5.18 -25.58
CA GLY A 151 -11.35 -3.76 -25.28
C GLY A 151 -12.84 -3.45 -25.24
N LYS A 152 -13.64 -4.46 -25.63
CA LYS A 152 -15.03 -4.33 -26.13
C LYS A 152 -16.10 -4.55 -25.04
N ASN A 153 -16.36 -3.52 -24.24
CA ASN A 153 -17.14 -3.62 -23.02
C ASN A 153 -18.61 -4.00 -23.20
N VAL A 154 -19.30 -4.11 -22.08
CA VAL A 154 -20.65 -4.57 -22.03
C VAL A 154 -21.63 -3.55 -22.55
N LEU A 155 -21.28 -2.28 -22.44
CA LEU A 155 -22.24 -1.26 -22.88
C LEU A 155 -22.32 -1.20 -24.39
N ASN A 156 -21.21 -1.48 -25.06
CA ASN A 156 -21.27 -1.62 -26.49
C ASN A 156 -22.00 -2.89 -26.91
N GLN A 157 -21.86 -3.97 -26.15
CA GLN A 157 -22.41 -5.21 -26.53
C GLN A 157 -23.92 -5.11 -26.34
N ILE A 158 -24.35 -4.37 -25.33
CA ILE A 158 -25.77 -4.27 -25.04
C ILE A 158 -26.45 -3.49 -26.20
N ASP A 159 -25.69 -2.53 -26.78
CA ASP A 159 -26.19 -1.73 -27.92
C ASP A 159 -26.28 -2.56 -29.20
N ALA A 160 -25.30 -3.45 -29.43
CA ALA A 160 -25.41 -4.45 -30.51
C ALA A 160 -26.67 -5.39 -30.35
N LEU A 161 -27.04 -5.64 -29.09
CA LEU A 161 -28.18 -6.46 -28.83
C LEU A 161 -29.46 -5.67 -29.11
N ILE A 162 -29.52 -4.42 -28.65
CA ILE A 162 -30.63 -3.49 -28.92
C ILE A 162 -30.92 -3.33 -30.43
N ALA A 163 -29.86 -3.26 -31.22
CA ALA A 163 -29.96 -3.23 -32.67
C ALA A 163 -30.58 -4.55 -33.15
N GLU A 164 -30.05 -5.65 -32.66
CA GLU A 164 -30.59 -6.97 -33.01
C GLU A 164 -32.06 -7.15 -32.54
N PHE A 165 -32.41 -6.57 -31.38
CA PHE A 165 -33.81 -6.53 -30.93
C PHE A 165 -34.72 -5.69 -31.84
N GLU A 166 -34.21 -4.63 -32.44
CA GLU A 166 -35.03 -3.78 -33.27
C GLU A 166 -35.27 -4.40 -34.67
N LYS A 167 -34.20 -4.89 -35.28
CA LYS A 167 -34.32 -5.54 -36.56
C LYS A 167 -33.58 -6.85 -36.52
N PRO A 168 -34.24 -7.92 -36.08
CA PRO A 168 -33.55 -9.22 -36.06
C PRO A 168 -32.86 -9.56 -37.38
N SER A 169 -31.73 -10.24 -37.29
CA SER A 169 -31.04 -10.79 -38.41
C SER A 169 -30.73 -12.29 -38.14
N PRO A 170 -30.05 -12.97 -39.07
CA PRO A 170 -29.74 -14.40 -38.82
C PRO A 170 -28.85 -14.60 -37.59
N ASN A 171 -28.29 -13.48 -37.10
CA ASN A 171 -27.36 -13.41 -35.98
C ASN A 171 -27.94 -13.10 -34.61
N PHE A 172 -29.27 -13.08 -34.56
CA PHE A 172 -29.99 -12.76 -33.34
C PHE A 172 -29.53 -13.62 -32.18
N GLN A 173 -29.57 -14.94 -32.33
CA GLN A 173 -29.22 -15.79 -31.21
C GLN A 173 -27.74 -15.66 -30.78
N ALA A 174 -26.88 -15.25 -31.73
CA ALA A 174 -25.48 -15.11 -31.47
C ALA A 174 -25.17 -13.81 -30.66
N GLU A 175 -25.86 -12.70 -30.97
CA GLU A 175 -25.72 -11.47 -30.18
C GLU A 175 -26.26 -11.68 -28.79
N VAL A 176 -27.43 -12.33 -28.70
CA VAL A 176 -27.97 -12.74 -27.40
C VAL A 176 -26.88 -13.43 -26.56
N ASP A 177 -26.25 -14.47 -27.11
CA ASP A 177 -25.19 -15.22 -26.41
C ASP A 177 -23.93 -14.34 -26.18
N ALA A 178 -23.59 -13.43 -27.07
CA ALA A 178 -22.47 -12.54 -26.77
C ALA A 178 -22.84 -11.60 -25.62
N SER A 179 -24.11 -11.18 -25.61
CA SER A 179 -24.63 -10.28 -24.59
C SER A 179 -24.69 -10.92 -23.18
N LEU A 180 -25.09 -12.18 -23.08
CA LEU A 180 -25.06 -12.85 -21.75
C LEU A 180 -23.63 -13.10 -21.29
N ASN A 181 -22.77 -13.53 -22.21
CA ASN A 181 -21.35 -13.69 -21.92
C ASN A 181 -20.62 -12.39 -21.49
N ALA A 182 -21.00 -11.26 -22.08
CA ALA A 182 -20.41 -9.99 -21.70
C ALA A 182 -20.93 -9.55 -20.35
N ILE A 183 -22.22 -9.78 -20.13
CA ILE A 183 -22.79 -9.52 -18.80
C ILE A 183 -22.19 -10.43 -17.75
N ASP A 184 -22.21 -11.76 -17.94
CA ASP A 184 -21.50 -12.65 -16.99
C ASP A 184 -20.08 -12.22 -16.67
N ASP A 185 -19.31 -11.76 -17.67
CA ASP A 185 -17.90 -11.40 -17.43
C ASP A 185 -17.77 -10.11 -16.62
N THR A 186 -18.60 -9.14 -16.97
CA THR A 186 -18.54 -7.89 -16.25
C THR A 186 -18.95 -8.16 -14.80
N MSE A 187 -19.98 -8.94 -14.63
CA MSE A 187 -20.44 -9.25 -13.30
C MSE A 187 -19.35 -9.88 -12.43
O MSE A 187 -19.15 -9.46 -11.29
CB MSE A 187 -21.67 -10.15 -13.37
CG MSE A 187 -22.16 -10.54 -12.00
SE MSE A 187 -23.17 -9.12 -11.10
CE MSE A 187 -24.89 -9.45 -12.12
N ALA A 188 -18.64 -10.86 -12.98
CA ALA A 188 -17.46 -11.43 -12.30
C ALA A 188 -16.43 -10.35 -11.89
N ASN A 189 -16.22 -9.40 -12.78
CA ASN A 189 -15.24 -8.35 -12.48
C ASN A 189 -15.78 -7.44 -11.36
N VAL A 190 -17.05 -7.04 -11.48
CA VAL A 190 -17.67 -6.15 -10.48
C VAL A 190 -17.65 -6.80 -9.12
N LEU A 191 -17.94 -8.10 -9.09
CA LEU A 191 -18.01 -8.84 -7.84
C LEU A 191 -16.63 -9.09 -7.30
N GLY A 192 -15.67 -9.30 -8.19
CA GLY A 192 -14.28 -9.50 -7.77
C GLY A 192 -13.72 -8.24 -7.12
N ALA A 193 -14.04 -7.09 -7.69
CA ALA A 193 -13.73 -5.77 -7.11
C ALA A 193 -14.23 -5.56 -5.70
N MSE A 194 -15.47 -5.96 -5.45
CA MSE A 194 -16.15 -5.72 -4.18
C MSE A 194 -15.59 -6.68 -3.15
O MSE A 194 -15.49 -6.37 -1.97
CB MSE A 194 -17.68 -5.93 -4.35
CG MSE A 194 -18.47 -4.75 -4.98
SE MSE A 194 -20.34 -5.28 -5.41
CE MSE A 194 -21.14 -4.68 -3.70
N THR A 195 -15.27 -7.90 -3.59
CA THR A 195 -14.53 -8.84 -2.74
C THR A 195 -13.17 -8.22 -2.41
N GLU A 196 -12.54 -7.57 -3.40
CA GLU A 196 -11.26 -6.99 -3.14
C GLU A 196 -11.41 -5.82 -2.18
N ILE A 197 -12.42 -4.99 -2.35
CA ILE A 197 -12.65 -3.96 -1.35
C ILE A 197 -12.89 -4.50 0.07
N GLY A 198 -13.66 -5.57 0.20
CA GLY A 198 -13.85 -6.16 1.54
C GLY A 198 -12.55 -6.62 2.18
N GLY A 199 -11.62 -7.21 1.43
CA GLY A 199 -10.29 -7.54 1.90
C GLY A 199 -9.51 -6.29 2.31
N ARG A 200 -9.63 -5.20 1.55
CA ARG A 200 -9.05 -3.93 2.02
C ARG A 200 -9.56 -3.48 3.39
N HIS A 201 -10.89 -3.39 3.52
CA HIS A 201 -11.50 -3.17 4.86
C HIS A 201 -10.92 -3.98 6.01
N ASN A 202 -10.76 -5.29 5.81
CA ASN A 202 -10.16 -6.15 6.83
C ASN A 202 -8.70 -5.82 7.16
N ASN A 203 -7.91 -5.52 6.16
CA ASN A 203 -6.54 -5.26 6.40
C ASN A 203 -6.40 -3.91 7.12
N LEU A 204 -7.22 -2.93 6.73
CA LEU A 204 -7.28 -1.68 7.46
C LEU A 204 -7.57 -1.95 8.94
N ASP A 205 -8.60 -2.74 9.17
CA ASP A 205 -8.99 -3.07 10.53
C ASP A 205 -7.89 -3.69 11.39
N LEU A 206 -7.08 -4.57 10.78
CA LEU A 206 -5.85 -5.02 11.43
C LEU A 206 -4.92 -3.86 11.77
N MSE A 207 -4.60 -2.97 10.83
CA MSE A 207 -3.75 -1.81 11.15
C MSE A 207 -4.30 -0.93 12.23
O MSE A 207 -3.56 -0.46 13.09
CB MSE A 207 -3.62 -0.91 9.96
CG MSE A 207 -3.04 -1.58 8.77
SE MSE A 207 -1.12 -1.96 8.89
CE MSE A 207 -1.26 -2.27 6.96
N ASP A 208 -5.57 -0.64 12.14
CA ASP A 208 -6.25 0.19 13.11
C ASP A 208 -6.22 -0.43 14.55
N GLY A 209 -6.40 -1.73 14.63
CA GLY A 209 -6.31 -2.45 15.92
C GLY A 209 -4.93 -2.34 16.57
N ALA A 210 -3.89 -2.42 15.73
CA ALA A 210 -2.53 -2.31 16.21
C ALA A 210 -2.24 -0.87 16.68
N HIS A 211 -2.79 0.11 15.97
CA HIS A 211 -2.70 1.53 16.35
C HIS A 211 -3.41 1.78 17.67
N SER A 212 -4.52 1.07 17.89
CA SER A 212 -5.28 1.21 19.13
C SER A 212 -4.52 0.70 20.36
N GLU A 213 -4.01 -0.54 20.28
CA GLU A 213 -3.07 -1.06 21.30
C GLU A 213 -1.95 -0.06 21.55
N ASN A 214 -1.24 0.29 20.49
CA ASN A 214 -0.15 1.23 20.56
C ASN A 214 -0.48 2.48 21.35
N LYS A 215 -1.63 3.07 21.03
CA LYS A 215 -2.16 4.22 21.79
C LYS A 215 -2.41 3.90 23.28
N LEU A 216 -2.78 2.67 23.59
CA LEU A 216 -2.85 2.29 25.01
C LEU A 216 -1.53 2.47 25.71
N PHE A 217 -0.49 1.81 25.18
CA PHE A 217 0.79 1.75 25.85
C PHE A 217 1.20 3.15 26.03
N VAL A 218 1.05 3.95 24.96
CA VAL A 218 1.37 5.37 24.99
C VAL A 218 0.60 6.16 26.05
N ASP A 219 -0.73 6.08 26.09
CA ASP A 219 -1.48 6.73 27.20
C ASP A 219 -1.03 6.29 28.61
N LYS A 220 -0.80 4.98 28.81
CA LYS A 220 -0.36 4.46 30.10
C LYS A 220 0.98 5.03 30.55
N VAL A 221 2.02 4.79 29.76
CA VAL A 221 3.35 5.34 30.00
C VAL A 221 3.29 6.85 30.17
N SER A 222 2.40 7.50 29.41
CA SER A 222 2.22 8.97 29.53
C SER A 222 1.48 9.38 30.81
N GLY A 223 0.55 8.54 31.24
CA GLY A 223 -0.20 8.78 32.46
C GLY A 223 0.69 8.73 33.70
N ASP A 224 1.42 7.62 33.85
CA ASP A 224 2.25 7.34 35.03
C ASP A 224 3.34 8.40 35.22
N LEU A 225 3.53 9.23 34.19
CA LEU A 225 4.55 10.26 34.18
C LEU A 225 4.07 11.57 34.81
N ASP B 6 -18.89 -32.66 -10.60
CA ASP B 6 -19.59 -31.37 -10.33
C ASP B 6 -18.74 -30.27 -10.96
N PRO B 7 -18.96 -30.00 -12.25
CA PRO B 7 -18.10 -29.07 -13.00
C PRO B 7 -17.86 -27.75 -12.26
N MSE B 8 -18.87 -27.28 -11.54
CA MSE B 8 -18.77 -26.08 -10.72
C MSE B 8 -17.89 -26.22 -9.43
O MSE B 8 -17.23 -25.26 -9.01
CB MSE B 8 -20.15 -25.49 -10.42
CG MSE B 8 -20.49 -24.26 -11.28
SE MSE B 8 -19.38 -22.61 -10.97
CE MSE B 8 -19.16 -22.67 -8.99
N ALA B 9 -17.86 -27.40 -8.82
CA ALA B 9 -16.94 -27.66 -7.72
C ALA B 9 -15.50 -27.71 -8.23
N SER B 10 -15.31 -28.18 -9.45
CA SER B 10 -14.00 -28.28 -10.06
C SER B 10 -13.39 -26.87 -10.18
N ILE B 11 -14.21 -25.92 -10.61
CA ILE B 11 -13.80 -24.51 -10.70
C ILE B 11 -13.54 -23.82 -9.34
N LYS B 12 -14.48 -24.00 -8.42
CA LYS B 12 -14.36 -23.57 -7.04
C LYS B 12 -13.00 -23.98 -6.52
N LEU B 13 -12.55 -25.19 -6.87
CA LEU B 13 -11.25 -25.68 -6.40
C LEU B 13 -10.09 -24.99 -7.09
N LEU B 14 -10.10 -24.99 -8.42
CA LEU B 14 -9.13 -24.25 -9.23
C LEU B 14 -8.88 -22.86 -8.67
N ASN B 15 -9.95 -22.16 -8.32
CA ASN B 15 -9.84 -20.82 -7.74
C ASN B 15 -9.22 -20.80 -6.35
N LEU B 16 -9.59 -21.72 -5.47
CA LEU B 16 -8.91 -21.85 -4.20
C LEU B 16 -7.42 -22.17 -4.33
N GLU B 17 -7.00 -22.84 -5.40
CA GLU B 17 -5.58 -23.16 -5.56
C GLU B 17 -4.82 -21.87 -5.88
N ARG B 18 -5.43 -21.11 -6.79
CA ARG B 18 -4.87 -19.88 -7.26
C ARG B 18 -4.74 -18.94 -6.10
N GLU B 19 -5.86 -18.74 -5.42
CA GLU B 19 -5.87 -17.88 -4.27
C GLU B 19 -4.81 -18.31 -3.26
N ASN B 20 -4.64 -19.60 -3.06
CA ASN B 20 -3.68 -20.16 -2.16
C ASN B 20 -2.29 -19.77 -2.59
N SER B 21 -2.06 -19.83 -3.89
CA SER B 21 -0.75 -19.58 -4.45
C SER B 21 -0.33 -18.09 -4.27
N ALA B 22 -1.32 -17.19 -4.33
CA ALA B 22 -1.15 -15.78 -4.14
C ALA B 22 -0.75 -15.53 -2.68
N ILE B 23 -1.43 -16.16 -1.73
CA ILE B 23 -0.98 -16.07 -0.31
C ILE B 23 0.46 -16.56 -0.07
N ALA B 24 0.80 -17.72 -0.64
CA ALA B 24 2.17 -18.20 -0.45
C ALA B 24 3.17 -17.18 -0.96
N GLN B 25 2.79 -16.48 -2.04
CA GLN B 25 3.60 -15.42 -2.64
C GLN B 25 3.79 -14.23 -1.68
N TYR B 26 2.72 -13.79 -1.03
CA TYR B 26 2.81 -12.63 -0.14
C TYR B 26 3.64 -12.92 1.04
N GLN B 27 3.56 -14.16 1.55
CA GLN B 27 4.33 -14.48 2.76
C GLN B 27 5.80 -14.66 2.37
N SER B 28 6.03 -15.21 1.20
CA SER B 28 7.39 -15.24 0.68
C SER B 28 7.98 -13.81 0.64
N ASN B 29 7.23 -12.84 0.07
CA ASN B 29 7.61 -11.42 0.09
C ASN B 29 7.79 -10.87 1.50
N ILE B 30 6.92 -11.26 2.43
CA ILE B 30 7.14 -10.89 3.85
C ILE B 30 8.45 -11.47 4.48
N ALA B 31 8.61 -12.78 4.50
CA ALA B 31 9.84 -13.40 4.98
C ALA B 31 11.03 -12.71 4.36
N ASN B 32 11.10 -12.61 3.04
CA ASN B 32 12.23 -11.93 2.42
C ASN B 32 12.50 -10.53 2.98
N LEU B 33 11.43 -9.75 3.11
CA LEU B 33 11.53 -8.42 3.64
C LEU B 33 11.94 -8.43 5.12
N LYS B 34 11.44 -9.41 5.90
CA LYS B 34 11.89 -9.53 7.30
C LYS B 34 13.40 -9.81 7.39
N THR B 35 13.89 -10.66 6.50
CA THR B 35 15.32 -10.91 6.42
C THR B 35 16.09 -9.62 6.23
N THR B 36 15.72 -8.81 5.24
CA THR B 36 16.42 -7.58 4.93
C THR B 36 16.37 -6.59 6.11
N LEU B 37 15.21 -6.47 6.76
CA LEU B 37 15.05 -5.55 7.87
C LEU B 37 15.99 -5.95 9.00
N SER B 38 15.97 -7.24 9.31
CA SER B 38 16.75 -7.77 10.44
C SER B 38 18.20 -7.55 10.10
N SER B 39 18.51 -7.73 8.82
CA SER B 39 19.84 -7.49 8.32
C SER B 39 20.33 -6.03 8.42
N GLN B 40 19.45 -5.04 8.23
CA GLN B 40 19.84 -3.66 8.53
C GLN B 40 19.97 -3.44 10.03
N GLU B 41 19.16 -4.14 10.83
CA GLU B 41 19.08 -3.92 12.25
C GLU B 41 20.48 -4.23 12.82
N THR B 42 20.97 -5.40 12.42
CA THR B 42 22.35 -5.83 12.64
C THR B 42 23.39 -4.74 12.38
N HIS B 43 23.41 -4.18 11.16
CA HIS B 43 24.45 -3.21 10.81
C HIS B 43 24.25 -1.90 11.58
N LEU B 44 23.01 -1.55 11.89
CA LEU B 44 22.78 -0.37 12.70
C LEU B 44 23.25 -0.63 14.13
N ASP B 45 23.09 -1.86 14.59
CA ASP B 45 23.56 -2.21 15.90
C ASP B 45 25.12 -1.99 16.03
N SER B 46 25.84 -2.32 14.94
CA SER B 46 27.29 -2.12 14.88
C SER B 46 27.66 -0.66 14.70
N VAL B 47 26.83 0.11 14.01
CA VAL B 47 27.05 1.55 13.98
C VAL B 47 27.01 2.02 15.44
N SER B 48 25.88 1.76 16.12
CA SER B 48 25.67 2.23 17.48
C SER B 48 26.81 1.89 18.47
N GLU B 49 27.27 0.64 18.45
CA GLU B 49 28.34 0.17 19.34
C GLU B 49 29.67 0.87 19.03
N SER B 50 30.07 0.84 17.76
CA SER B 50 31.11 1.75 17.24
C SER B 50 30.94 3.19 17.65
N LEU B 51 29.71 3.68 17.76
CA LEU B 51 29.51 5.04 18.24
C LEU B 51 29.75 5.22 19.74
N LYS B 52 29.30 4.27 20.55
CA LYS B 52 29.45 4.36 21.98
C LYS B 52 30.95 4.30 22.33
N SER B 53 31.64 3.39 21.64
CA SER B 53 33.08 3.19 21.81
C SER B 53 33.87 4.43 21.46
N MSE B 54 33.52 5.05 20.35
CA MSE B 54 34.12 6.31 19.96
C MSE B 54 33.81 7.39 20.96
O MSE B 54 34.61 8.30 21.17
CB MSE B 54 33.52 6.74 18.65
CG MSE B 54 34.46 7.38 17.72
SE MSE B 54 33.65 7.20 15.98
CE MSE B 54 32.76 8.94 15.91
N ARG B 55 32.64 7.32 21.60
CA ARG B 55 32.28 8.31 22.59
C ARG B 55 33.07 8.10 23.87
N ASP B 56 33.44 6.85 24.17
CA ASP B 56 34.21 6.56 25.37
C ASP B 56 35.59 7.20 25.22
N ILE B 57 36.25 6.84 24.14
CA ILE B 57 37.51 7.42 23.74
C ILE B 57 37.51 8.95 23.88
N VAL B 58 36.52 9.62 23.31
CA VAL B 58 36.46 11.07 23.40
C VAL B 58 36.11 11.52 24.82
N LEU B 59 35.51 10.67 25.64
CA LEU B 59 35.18 11.10 27.01
C LEU B 59 36.24 10.87 28.12
N TRP B 60 36.77 9.65 28.22
CA TRP B 60 37.76 9.34 29.20
C TRP B 60 39.05 10.12 28.82
N GLY B 61 39.47 10.04 27.54
CA GLY B 61 40.55 10.90 27.02
C GLY B 61 40.05 12.02 26.08
N MSE B 74 44.84 4.35 21.73
CA MSE B 74 43.84 5.40 21.64
C MSE B 74 43.76 6.09 20.30
O MSE B 74 42.76 5.97 19.60
CB MSE B 74 44.06 6.45 22.71
CG MSE B 74 43.09 6.40 23.85
SE MSE B 74 43.26 8.04 24.91
CE MSE B 74 42.31 9.27 23.74
N ILE B 75 44.82 6.84 19.94
CA ILE B 75 44.91 7.50 18.64
C ILE B 75 44.60 6.52 17.50
N THR B 76 44.99 5.26 17.72
CA THR B 76 44.69 4.15 16.81
C THR B 76 43.23 3.69 16.95
N GLU B 77 42.73 3.72 18.18
CA GLU B 77 41.42 3.15 18.51
C GLU B 77 40.25 3.82 17.80
N LEU B 78 40.33 5.13 17.61
CA LEU B 78 39.28 5.89 16.95
C LEU B 78 39.02 5.36 15.54
N LYS B 79 40.03 5.48 14.68
CA LYS B 79 39.92 5.11 13.27
C LYS B 79 39.51 3.65 13.00
N SER B 80 39.50 2.80 14.02
CA SER B 80 39.11 1.39 13.90
C SER B 80 37.60 1.36 13.86
N TYR B 81 37.02 2.08 14.81
CA TYR B 81 35.59 2.27 14.84
C TYR B 81 35.11 3.14 13.68
N ARG B 82 35.91 4.11 13.24
CA ARG B 82 35.55 4.94 12.07
C ARG B 82 35.40 4.10 10.76
N ASP B 83 36.20 3.06 10.66
CA ASP B 83 36.13 2.13 9.54
C ASP B 83 35.01 1.12 9.73
N SER B 84 34.64 0.88 10.99
CA SER B 84 33.64 -0.12 11.37
C SER B 84 32.23 0.46 11.16
N ILE B 85 32.15 1.79 11.15
CA ILE B 85 30.91 2.44 10.80
C ILE B 85 30.85 2.78 9.30
N GLU B 86 31.98 3.07 8.67
CA GLU B 86 31.94 3.40 7.24
C GLU B 86 31.52 2.18 6.43
N SER B 87 32.16 1.04 6.74
CA SER B 87 31.89 -0.26 6.14
C SER B 87 30.40 -0.59 6.15
N SER B 88 29.82 -0.46 7.33
CA SER B 88 28.42 -0.80 7.59
C SER B 88 27.47 -0.03 6.69
N PHE B 89 27.59 1.29 6.67
CA PHE B 89 26.80 2.08 5.72
C PHE B 89 27.01 1.81 4.21
N ASN B 90 28.20 1.36 3.80
CA ASN B 90 28.46 1.00 2.40
C ASN B 90 28.52 -0.53 2.20
N ALA B 91 27.84 -1.28 3.07
CA ALA B 91 27.78 -2.75 2.95
C ALA B 91 26.77 -3.24 1.88
N GLN B 92 26.97 -4.49 1.44
CA GLN B 92 26.23 -5.06 0.32
C GLN B 92 25.67 -6.44 0.65
N ASP B 93 24.52 -6.76 0.05
CA ASP B 93 23.81 -8.01 0.26
C ASP B 93 24.33 -9.19 -0.58
N GLU B 94 23.44 -10.13 -0.88
CA GLU B 94 23.74 -11.31 -1.69
C GLU B 94 24.46 -10.91 -2.98
N GLU B 95 23.68 -10.36 -3.93
CA GLU B 95 24.15 -10.07 -5.29
C GLU B 95 25.21 -8.97 -5.38
N GLY B 96 25.04 -7.90 -4.59
CA GLY B 96 26.01 -6.80 -4.55
C GLY B 96 25.44 -5.39 -4.51
N HIS B 97 24.14 -5.28 -4.16
CA HIS B 97 23.48 -3.98 -3.99
C HIS B 97 23.81 -3.36 -2.61
N PHE B 98 23.86 -2.03 -2.55
CA PHE B 98 24.14 -1.30 -1.30
C PHE B 98 22.82 -1.03 -0.55
N LEU B 99 22.76 -1.45 0.73
CA LEU B 99 21.51 -1.47 1.51
C LEU B 99 20.98 -0.11 1.94
N PHE B 100 21.92 0.73 2.37
CA PHE B 100 21.63 2.04 2.91
C PHE B 100 21.81 3.15 1.86
N SER B 101 21.85 2.75 0.58
CA SER B 101 22.06 3.70 -0.52
C SER B 101 20.79 4.37 -1.02
N GLY B 102 19.63 3.95 -0.53
CA GLY B 102 18.39 4.47 -1.07
C GLY B 102 18.11 3.65 -2.31
N THR B 103 17.89 4.32 -3.44
CA THR B 103 17.55 3.64 -4.69
C THR B 103 18.74 3.54 -5.63
N LYS B 104 19.89 4.03 -5.18
CA LYS B 104 21.15 3.94 -5.92
C LYS B 104 21.89 2.67 -5.53
N THR B 105 21.11 1.58 -5.56
CA THR B 105 21.56 0.25 -5.16
C THR B 105 22.70 -0.23 -6.08
N TYR B 117 34.62 12.69 3.39
CA TYR B 117 33.41 11.86 3.45
C TYR B 117 32.17 12.55 2.89
N VAL B 118 31.60 11.96 1.85
CA VAL B 118 30.40 12.49 1.25
C VAL B 118 29.37 11.35 1.08
N VAL B 119 28.11 11.66 1.39
CA VAL B 119 27.02 10.67 1.45
C VAL B 119 26.80 9.97 0.09
N GLU B 120 26.89 8.65 0.14
CA GLU B 120 26.92 7.80 -1.06
C GLU B 120 25.64 7.84 -1.95
N GLY B 121 24.47 7.48 -1.40
CA GLY B 121 23.23 7.46 -2.17
C GLY B 121 22.17 8.46 -1.73
N ASN B 122 20.91 8.19 -2.09
CA ASN B 122 19.80 9.13 -1.79
C ASN B 122 18.95 8.66 -0.63
N SER B 123 17.85 9.36 -0.39
CA SER B 123 16.93 9.01 0.69
C SER B 123 15.61 8.28 0.25
N ASP B 124 15.53 7.81 -1.00
CA ASP B 124 14.25 7.26 -1.49
C ASP B 124 14.02 5.80 -1.16
N VAL B 125 12.76 5.44 -1.01
CA VAL B 125 12.38 4.16 -0.46
C VAL B 125 12.17 3.07 -1.52
N ARG B 126 12.39 1.82 -1.10
CA ARG B 126 12.12 0.59 -1.85
C ARG B 126 10.84 0.02 -1.21
N VAL B 127 9.89 -0.44 -2.00
CA VAL B 127 8.61 -0.91 -1.46
C VAL B 127 8.41 -2.42 -1.81
N VAL B 128 7.43 -3.08 -1.19
CA VAL B 128 7.23 -4.53 -1.37
C VAL B 128 5.79 -4.71 -1.07
N THR B 129 5.12 -5.60 -1.81
CA THR B 129 3.67 -5.82 -1.74
C THR B 129 3.52 -6.98 -0.80
N VAL B 130 2.91 -6.74 0.35
CA VAL B 130 2.82 -7.78 1.38
C VAL B 130 1.40 -8.27 1.44
N ALA B 131 0.51 -7.58 0.74
CA ALA B 131 -0.82 -8.05 0.64
C ALA B 131 -1.46 -7.31 -0.50
N LYS B 132 -2.62 -7.78 -0.94
CA LYS B 132 -3.27 -7.19 -2.09
C LYS B 132 -3.54 -5.72 -1.75
N GLY B 133 -2.91 -4.82 -2.50
CA GLY B 133 -3.17 -3.40 -2.37
C GLY B 133 -2.35 -2.76 -1.27
N VAL B 134 -1.52 -3.53 -0.58
CA VAL B 134 -0.76 -3.04 0.58
C VAL B 134 0.71 -3.10 0.31
N THR B 135 1.43 -1.98 0.40
CA THR B 135 2.84 -2.01 0.13
C THR B 135 3.63 -1.51 1.32
N MSE B 136 4.80 -2.06 1.56
CA MSE B 136 5.57 -1.61 2.69
C MSE B 136 6.97 -1.18 2.28
O MSE B 136 7.55 -1.78 1.39
CB MSE B 136 5.62 -2.68 3.74
CG MSE B 136 4.27 -2.90 4.41
SE MSE B 136 4.42 -3.88 6.17
CE MSE B 136 2.50 -4.19 6.54
N ASP B 137 7.48 -0.12 2.92
CA ASP B 137 8.82 0.44 2.62
C ASP B 137 9.90 -0.42 3.23
N SER B 138 10.98 -0.72 2.49
CA SER B 138 11.98 -1.71 2.96
C SER B 138 13.27 -1.22 3.57
N ASN B 139 13.57 0.07 3.43
CA ASN B 139 14.93 0.50 3.70
C ASN B 139 15.03 1.76 4.56
N MSE B 140 16.07 1.78 5.41
CA MSE B 140 16.58 2.98 6.06
C MSE B 140 17.70 3.44 5.17
O MSE B 140 18.25 2.63 4.41
CB MSE B 140 17.16 2.70 7.45
CG MSE B 140 16.27 1.92 8.35
SE MSE B 140 14.46 2.63 8.38
CE MSE B 140 14.96 4.38 9.13
N THR B 141 18.04 4.71 5.26
CA THR B 141 18.97 5.28 4.33
C THR B 141 20.05 6.06 5.07
N ALA B 142 21.30 5.87 4.61
CA ALA B 142 22.48 6.58 5.06
C ALA B 142 22.24 8.06 5.04
N GLN B 143 21.70 8.57 3.94
CA GLN B 143 21.40 10.00 3.84
C GLN B 143 20.52 10.50 4.97
N GLU B 144 19.36 9.85 5.21
CA GLU B 144 18.51 10.20 6.36
C GLU B 144 19.21 10.04 7.75
N ILE B 145 19.90 8.90 7.96
CA ILE B 145 20.59 8.61 9.25
C ILE B 145 21.82 9.45 9.52
N LEU B 146 22.62 9.77 8.49
CA LEU B 146 23.79 10.62 8.74
C LEU B 146 23.50 12.11 8.70
N ASP B 147 22.29 12.49 8.29
CA ASP B 147 21.87 13.89 8.25
C ASP B 147 21.56 14.38 9.64
N ILE B 148 22.55 15.03 10.23
CA ILE B 148 22.45 15.68 11.51
C ILE B 148 22.56 17.19 11.29
N GLY B 149 22.59 17.58 10.02
CA GLY B 149 22.68 18.97 9.57
C GLY B 149 23.72 19.11 8.48
N ASN B 153 28.19 15.33 8.46
CA ASN B 153 28.59 13.97 8.72
C ASN B 153 29.41 13.86 10.00
N VAL B 154 29.03 12.92 10.86
CA VAL B 154 29.85 12.53 12.00
C VAL B 154 31.21 12.02 11.52
N LEU B 155 31.26 11.57 10.27
CA LEU B 155 32.40 10.84 9.76
C LEU B 155 33.61 11.70 9.47
N ASN B 156 33.39 12.93 9.02
CA ASN B 156 34.49 13.87 8.91
C ASN B 156 34.56 14.90 10.05
N GLN B 157 33.51 14.92 10.87
CA GLN B 157 33.59 15.61 12.17
C GLN B 157 34.59 14.93 13.10
N ILE B 158 34.85 13.65 12.86
CA ILE B 158 35.82 12.89 13.62
C ILE B 158 37.21 12.97 12.94
N ASP B 159 37.21 13.22 11.62
CA ASP B 159 38.46 13.49 10.88
C ASP B 159 39.06 14.83 11.32
N ALA B 160 38.19 15.79 11.63
CA ALA B 160 38.59 17.09 12.14
C ALA B 160 39.13 16.99 13.57
N LEU B 161 38.65 16.02 14.33
CA LEU B 161 39.09 15.88 15.73
C LEU B 161 40.37 15.05 15.91
N ILE B 162 40.47 13.94 15.16
CA ILE B 162 41.70 13.12 15.21
C ILE B 162 42.91 13.97 14.78
N ALA B 163 42.62 15.03 14.02
CA ALA B 163 43.58 16.06 13.65
C ALA B 163 44.07 16.82 14.90
N GLU B 164 43.15 17.52 15.56
CA GLU B 164 43.50 18.27 16.74
C GLU B 164 44.00 17.35 17.85
N PHE B 165 43.75 16.03 17.72
CA PHE B 165 44.34 15.03 18.62
C PHE B 165 45.84 14.88 18.35
N GLU B 166 46.22 14.83 17.07
CA GLU B 166 47.62 14.67 16.66
C GLU B 166 48.50 15.88 17.00
N LYS B 167 47.93 17.08 16.99
CA LYS B 167 48.60 18.29 17.54
C LYS B 167 47.56 19.34 17.97
N PRO B 168 47.18 19.32 19.27
CA PRO B 168 46.19 20.26 19.81
C PRO B 168 46.33 21.72 19.33
N SER B 169 45.21 22.35 18.99
CA SER B 169 45.17 23.79 18.64
C SER B 169 44.40 24.56 19.73
N PRO B 170 44.31 25.92 19.63
CA PRO B 170 43.55 26.60 20.69
C PRO B 170 42.03 26.43 20.55
N ASN B 171 41.60 25.89 19.40
CA ASN B 171 40.20 25.51 19.15
C ASN B 171 39.86 24.09 19.62
N PHE B 172 40.91 23.34 19.97
CA PHE B 172 40.84 21.91 20.28
C PHE B 172 39.61 21.57 21.11
N GLN B 173 39.37 22.35 22.16
CA GLN B 173 38.23 22.09 23.04
C GLN B 173 36.87 22.14 22.32
N ALA B 174 36.70 23.11 21.45
CA ALA B 174 35.46 23.26 20.74
C ALA B 174 35.21 22.08 19.79
N GLU B 175 36.31 21.49 19.30
CA GLU B 175 36.24 20.33 18.41
C GLU B 175 35.73 19.12 19.14
N VAL B 176 36.21 18.95 20.37
CA VAL B 176 35.79 17.81 21.19
C VAL B 176 34.27 17.83 21.40
N ASP B 177 33.73 19.00 21.73
CA ASP B 177 32.31 19.18 22.02
C ASP B 177 31.40 18.89 20.81
N ALA B 178 31.59 19.56 19.69
CA ALA B 178 30.81 19.21 18.49
C ALA B 178 31.22 17.84 17.91
N SER B 179 32.27 17.21 18.45
CA SER B 179 32.50 15.81 18.19
C SER B 179 31.49 15.01 19.03
N LEU B 180 31.45 15.27 20.34
CA LEU B 180 30.50 14.60 21.19
C LEU B 180 29.07 14.86 20.72
N ASN B 181 28.78 16.09 20.30
CA ASN B 181 27.44 16.41 19.78
C ASN B 181 27.09 15.60 18.53
N ALA B 182 28.05 15.48 17.61
CA ALA B 182 27.82 14.69 16.39
C ALA B 182 27.58 13.21 16.66
N ILE B 183 28.23 12.68 17.70
CA ILE B 183 28.04 11.32 18.07
C ILE B 183 26.66 11.18 18.70
N ASP B 184 26.34 12.08 19.63
CA ASP B 184 25.00 12.08 20.25
C ASP B 184 23.90 12.16 19.18
N ASP B 185 24.07 13.03 18.18
CA ASP B 185 22.97 13.19 17.17
C ASP B 185 22.81 11.99 16.26
N THR B 186 23.93 11.38 15.86
CA THR B 186 23.86 10.22 14.99
C THR B 186 23.29 9.07 15.77
N MSE B 187 23.58 9.03 17.06
CA MSE B 187 23.11 7.95 17.88
C MSE B 187 21.60 8.03 18.05
O MSE B 187 20.94 7.00 18.07
CB MSE B 187 23.80 7.99 19.22
CG MSE B 187 23.25 7.01 20.18
SE MSE B 187 23.86 5.22 19.77
CE MSE B 187 25.57 5.31 20.82
N ALA B 188 21.07 9.26 18.18
CA ALA B 188 19.60 9.46 18.20
C ALA B 188 19.00 8.94 16.89
N ASN B 189 19.63 9.25 15.75
CA ASN B 189 19.07 8.76 14.44
C ASN B 189 19.18 7.26 14.34
N VAL B 190 20.30 6.69 14.80
CA VAL B 190 20.47 5.29 14.65
C VAL B 190 19.41 4.54 15.43
N LEU B 191 19.24 4.90 16.70
CA LEU B 191 18.23 4.34 17.58
C LEU B 191 16.82 4.50 17.12
N GLY B 192 16.50 5.68 16.58
CA GLY B 192 15.20 5.95 15.96
C GLY B 192 14.91 5.01 14.79
N ALA B 193 15.96 4.73 14.01
CA ALA B 193 15.83 3.91 12.81
C ALA B 193 15.53 2.53 13.24
N MSE B 194 16.28 2.02 14.20
CA MSE B 194 15.99 0.70 14.81
C MSE B 194 14.60 0.60 15.41
O MSE B 194 13.95 -0.46 15.31
CB MSE B 194 17.03 0.30 15.85
CG MSE B 194 18.30 -0.39 15.31
SE MSE B 194 19.83 -0.10 16.57
CE MSE B 194 19.22 -1.31 18.02
N THR B 195 14.11 1.66 16.07
CA THR B 195 12.70 1.69 16.53
C THR B 195 11.77 1.53 15.35
N GLU B 196 12.04 2.26 14.26
CA GLU B 196 11.14 2.28 13.11
C GLU B 196 11.16 0.91 12.47
N ILE B 197 12.31 0.32 12.21
CA ILE B 197 12.34 -1.08 11.74
C ILE B 197 11.45 -2.02 12.54
N GLY B 198 11.53 -1.93 13.86
CA GLY B 198 10.68 -2.72 14.76
C GLY B 198 9.20 -2.53 14.55
N GLY B 199 8.75 -1.29 14.33
CA GLY B 199 7.34 -1.06 14.06
C GLY B 199 6.98 -1.70 12.72
N ARG B 200 7.94 -1.71 11.79
CA ARG B 200 7.72 -2.44 10.57
C ARG B 200 7.59 -3.94 10.74
N HIS B 201 8.36 -4.54 11.65
CA HIS B 201 8.26 -5.97 11.97
C HIS B 201 6.92 -6.21 12.59
N ASN B 202 6.51 -5.37 13.53
CA ASN B 202 5.15 -5.59 14.06
C ASN B 202 4.11 -5.58 13.00
N ASN B 203 4.19 -4.64 12.06
CA ASN B 203 3.16 -4.51 11.01
C ASN B 203 3.24 -5.63 9.99
N LEU B 204 4.46 -6.07 9.64
CA LEU B 204 4.64 -7.27 8.82
C LEU B 204 3.93 -8.42 9.46
N ASP B 205 4.21 -8.70 10.72
CA ASP B 205 3.63 -9.83 11.46
C ASP B 205 2.11 -9.81 11.50
N LEU B 206 1.55 -8.65 11.80
CA LEU B 206 0.11 -8.48 11.52
C LEU B 206 -0.30 -9.12 10.22
N MSE B 207 0.31 -8.69 9.10
CA MSE B 207 -0.21 -9.15 7.80
C MSE B 207 0.11 -10.61 7.62
O MSE B 207 -0.66 -11.33 7.02
CB MSE B 207 0.37 -8.35 6.63
CG MSE B 207 0.16 -6.87 6.65
SE MSE B 207 -1.62 -6.53 6.08
CE MSE B 207 -2.47 -6.50 7.84
N ASP B 208 1.27 -11.04 8.15
CA ASP B 208 1.69 -12.42 8.00
C ASP B 208 0.64 -13.37 8.59
N GLY B 209 0.20 -13.08 9.81
CA GLY B 209 -0.80 -13.86 10.53
C GLY B 209 -2.16 -13.90 9.85
N ALA B 210 -2.56 -12.78 9.22
CA ALA B 210 -3.84 -12.74 8.52
C ALA B 210 -3.83 -13.65 7.28
N HIS B 211 -2.65 -13.73 6.70
CA HIS B 211 -2.37 -14.59 5.56
C HIS B 211 -2.42 -16.04 5.94
N SER B 212 -1.94 -16.33 7.14
CA SER B 212 -1.90 -17.66 7.69
C SER B 212 -3.27 -18.13 8.09
N GLU B 213 -4.11 -17.20 8.55
CA GLU B 213 -5.46 -17.57 8.97
C GLU B 213 -6.20 -17.82 7.71
N ASN B 214 -6.03 -16.90 6.76
CA ASN B 214 -6.70 -17.00 5.49
C ASN B 214 -6.35 -18.29 4.71
N LYS B 215 -5.08 -18.69 4.73
CA LYS B 215 -4.62 -19.91 4.02
C LYS B 215 -5.22 -21.22 4.57
N LEU B 216 -5.42 -21.31 5.87
CA LEU B 216 -5.94 -22.54 6.45
C LEU B 216 -7.43 -22.74 6.14
N PHE B 217 -8.14 -21.62 6.08
CA PHE B 217 -9.49 -21.50 5.59
C PHE B 217 -9.54 -22.13 4.19
N VAL B 218 -8.65 -21.66 3.33
CA VAL B 218 -8.53 -22.16 1.96
C VAL B 218 -8.23 -23.68 1.93
N ASP B 219 -7.43 -24.17 2.87
CA ASP B 219 -7.08 -25.59 2.91
C ASP B 219 -8.28 -26.40 3.36
N LYS B 220 -9.02 -25.81 4.30
CA LYS B 220 -10.25 -26.37 4.78
C LYS B 220 -11.19 -26.50 3.60
N VAL B 221 -11.68 -25.37 3.11
CA VAL B 221 -12.67 -25.38 2.05
C VAL B 221 -12.22 -26.25 0.87
N SER B 222 -10.95 -26.19 0.51
CA SER B 222 -10.41 -27.07 -0.53
C SER B 222 -10.70 -28.53 -0.20
N GLY B 223 -10.33 -28.95 1.02
CA GLY B 223 -10.52 -30.31 1.49
C GLY B 223 -11.96 -30.78 1.70
N ASP B 224 -12.90 -29.84 1.76
CA ASP B 224 -14.33 -30.16 1.91
C ASP B 224 -14.99 -30.43 0.57
N LEU B 225 -14.32 -29.99 -0.49
CA LEU B 225 -14.75 -30.25 -1.85
C LEU B 225 -14.04 -31.46 -2.43
MG MG C . -9.41 18.79 -7.99
#